data_8GUP
#
_entry.id   8GUP
#
_cell.length_a   90.674
_cell.length_b   62.106
_cell.length_c   82.811
_cell.angle_alpha   90.0
_cell.angle_beta   117.49
_cell.angle_gamma   90.0
#
_symmetry.space_group_name_H-M   'C 1 2 1'
#
loop_
_entity.id
_entity.type
_entity.pdbx_description
1 polymer 'Type VII secretion system protein EsaG'
2 non-polymer 'CITRIC ACID'
3 water water
#
_entity_poly.entity_id   1
_entity_poly.type   'polypeptide(L)'
_entity_poly.pdbx_seq_one_letter_code
;MTFEEKLSKIYNEIANEISSMIPVEWEKVYTMAYIDDGGGEVFFNYTKPGSDDLNYYTNIPKEYNISVQVFDDLWMDLYD
LFEELRDLFKEEDLEPWTSCEFDFTREGELKVSFDYIDWINSEFGQIGRQNYYKYRKFGILPETEYEINKVKEIEQYIKE
LE
;
_entity_poly.pdbx_strand_id   A,B
#
# COMPACT_ATOMS: atom_id res chain seq x y z
N MET A 1 19.47 11.87 4.03
CA MET A 1 18.32 11.03 3.69
C MET A 1 17.23 11.14 4.75
N THR A 2 16.02 11.46 4.33
CA THR A 2 14.89 11.59 5.25
C THR A 2 14.39 10.23 5.70
N PHE A 3 13.31 10.24 6.49
CA PHE A 3 12.70 9.00 6.96
C PHE A 3 12.00 8.29 5.81
N GLU A 4 11.30 9.07 5.00
CA GLU A 4 10.60 8.55 3.83
C GLU A 4 11.58 7.85 2.88
N GLU A 5 12.75 8.45 2.69
CA GLU A 5 13.76 7.88 1.79
C GLU A 5 14.30 6.54 2.30
N LYS A 6 14.53 6.46 3.60
CA LYS A 6 14.96 5.22 4.23
C LYS A 6 13.90 4.13 4.06
N LEU A 7 12.67 4.47 4.41
CA LEU A 7 11.54 3.54 4.23
C LEU A 7 11.44 3.06 2.78
N SER A 8 11.60 3.98 1.84
CA SER A 8 11.47 3.68 0.42
C SER A 8 12.58 2.75 -0.07
N LYS A 9 13.81 3.04 0.34
CA LYS A 9 14.95 2.21 0.02
C LYS A 9 14.75 0.78 0.52
N ILE A 10 14.39 0.68 1.80
CA ILE A 10 14.16 -0.65 2.39
C ILE A 10 13.01 -1.38 1.70
N TYR A 11 11.94 -0.66 1.40
CA TYR A 11 10.79 -1.26 0.72
C TYR A 11 11.18 -1.84 -0.63
N ASN A 12 11.93 -1.05 -1.40
CA ASN A 12 12.42 -1.48 -2.70
C ASN A 12 13.29 -2.73 -2.59
N GLU A 13 14.21 -2.72 -1.62
CA GLU A 13 15.07 -3.87 -1.39
C GLU A 13 14.26 -5.12 -1.04
N ILE A 14 13.23 -4.94 -0.21
CA ILE A 14 12.35 -6.04 0.20
C ILE A 14 11.62 -6.64 -1.01
N ALA A 15 11.00 -5.76 -1.80
CA ALA A 15 10.29 -6.19 -3.01
C ALA A 15 11.20 -6.96 -3.95
N ASN A 16 12.40 -6.41 -4.19
CA ASN A 16 13.37 -7.07 -5.05
C ASN A 16 13.78 -8.44 -4.52
N GLU A 17 13.96 -8.53 -3.20
CA GLU A 17 14.31 -9.79 -2.55
C GLU A 17 13.24 -10.86 -2.76
N ILE A 18 12.02 -10.53 -2.37
CA ILE A 18 10.89 -11.45 -2.49
C ILE A 18 10.70 -11.87 -3.94
N SER A 19 10.87 -10.94 -4.86
CA SER A 19 10.77 -11.25 -6.28
C SER A 19 11.90 -12.20 -6.71
N SER A 20 13.06 -12.04 -6.09
CA SER A 20 14.22 -12.87 -6.42
C SER A 20 14.06 -14.29 -5.88
N MET A 21 13.26 -14.44 -4.82
CA MET A 21 13.05 -15.74 -4.21
C MET A 21 12.03 -16.59 -4.99
N ILE A 22 11.28 -15.95 -5.89
CA ILE A 22 10.31 -16.65 -6.71
C ILE A 22 10.83 -16.85 -8.13
N PRO A 23 11.12 -18.11 -8.50
CA PRO A 23 11.80 -18.45 -9.75
C PRO A 23 10.92 -18.39 -10.98
N VAL A 24 9.60 -18.30 -10.79
CA VAL A 24 8.68 -18.22 -11.92
C VAL A 24 7.91 -16.92 -11.93
N GLU A 25 6.99 -16.79 -12.89
CA GLU A 25 6.17 -15.60 -13.02
C GLU A 25 5.03 -15.62 -11.99
N TRP A 26 4.92 -14.55 -11.22
CA TRP A 26 3.91 -14.45 -10.18
C TRP A 26 2.90 -13.35 -10.47
N GLU A 27 1.73 -13.45 -9.86
CA GLU A 27 0.67 -12.46 -10.04
C GLU A 27 0.59 -11.55 -8.82
N LYS A 28 0.28 -12.15 -7.67
CA LYS A 28 0.16 -11.42 -6.41
C LYS A 28 1.10 -11.99 -5.35
N VAL A 29 1.57 -11.12 -4.46
CA VAL A 29 2.46 -11.53 -3.38
C VAL A 29 2.03 -10.91 -2.05
N TYR A 30 1.81 -11.76 -1.06
CA TYR A 30 1.43 -11.34 0.28
C TYR A 30 2.51 -11.74 1.28
N THR A 31 3.17 -10.74 1.87
CA THR A 31 4.23 -11.02 2.84
C THR A 31 3.83 -10.57 4.25
N MET A 32 4.15 -11.39 5.24
CA MET A 32 3.88 -11.06 6.63
C MET A 32 5.14 -11.28 7.47
N ALA A 33 5.43 -10.31 8.34
CA ALA A 33 6.60 -10.40 9.21
C ALA A 33 6.25 -10.07 10.65
N TYR A 34 6.37 -11.06 11.53
CA TYR A 34 6.18 -10.83 12.96
C TYR A 34 7.53 -10.68 13.64
N ILE A 35 7.85 -9.47 14.09
CA ILE A 35 9.11 -9.23 14.80
C ILE A 35 8.91 -8.45 16.09
N ASP A 36 9.34 -9.04 17.21
CA ASP A 36 9.34 -8.35 18.50
C ASP A 36 10.70 -8.53 19.17
N ASP A 37 10.75 -8.34 20.49
CA ASP A 37 12.00 -8.52 21.23
C ASP A 37 12.39 -9.99 21.32
N GLY A 38 11.40 -10.87 21.33
CA GLY A 38 11.65 -12.30 21.40
C GLY A 38 11.75 -12.94 20.03
N GLY A 39 12.72 -12.49 19.24
CA GLY A 39 12.92 -13.01 17.90
C GLY A 39 11.79 -12.66 16.95
N GLY A 40 11.55 -13.54 15.98
CA GLY A 40 10.50 -13.31 15.01
C GLY A 40 10.63 -14.18 13.78
N GLU A 41 9.70 -14.00 12.83
CA GLU A 41 9.71 -14.76 11.58
C GLU A 41 9.06 -13.99 10.42
N VAL A 42 9.42 -14.40 9.20
CA VAL A 42 8.88 -13.83 7.98
C VAL A 42 8.38 -14.92 7.05
N PHE A 43 7.19 -14.75 6.49
CA PHE A 43 6.69 -15.70 5.49
C PHE A 43 5.91 -14.97 4.40
N PHE A 44 5.76 -15.60 3.24
CA PHE A 44 4.93 -15.02 2.20
C PHE A 44 4.26 -16.07 1.32
N ASN A 45 3.08 -15.72 0.81
CA ASN A 45 2.37 -16.53 -0.17
C ASN A 45 2.32 -15.81 -1.50
N TYR A 46 2.30 -16.56 -2.59
CA TYR A 46 2.25 -15.95 -3.92
C TYR A 46 1.29 -16.70 -4.84
N THR A 47 0.57 -15.95 -5.67
CA THR A 47 -0.34 -16.55 -6.64
C THR A 47 0.29 -16.55 -8.03
N LYS A 48 -0.14 -17.48 -8.86
CA LYS A 48 0.26 -17.52 -10.26
C LYS A 48 -0.94 -17.23 -11.15
N PRO A 49 -0.71 -16.73 -12.37
CA PRO A 49 -1.83 -16.47 -13.29
C PRO A 49 -2.40 -17.75 -13.87
N ASP A 52 -7.04 -16.94 -7.23
CA ASP A 52 -6.32 -18.14 -7.59
C ASP A 52 -5.67 -18.78 -6.37
N ASP A 53 -4.98 -19.89 -6.57
CA ASP A 53 -4.39 -20.64 -5.47
C ASP A 53 -3.20 -19.93 -4.83
N LEU A 54 -3.12 -20.00 -3.50
CA LEU A 54 -1.97 -19.48 -2.79
C LEU A 54 -0.83 -20.50 -2.80
N ASN A 55 0.39 -20.01 -2.96
CA ASN A 55 1.57 -20.86 -2.91
C ASN A 55 2.50 -20.43 -1.78
N TYR A 56 2.76 -21.35 -0.86
CA TYR A 56 3.58 -21.06 0.31
C TYR A 56 5.06 -21.08 -0.05
N TYR A 57 5.82 -20.13 0.50
CA TYR A 57 7.18 -19.87 0.04
C TYR A 57 8.16 -21.03 0.28
N THR A 58 8.04 -21.71 1.42
CA THR A 58 8.98 -22.79 1.72
C THR A 58 8.82 -23.99 0.80
N ASN A 59 7.76 -23.98 -0.01
CA ASN A 59 7.52 -25.03 -0.99
C ASN A 59 8.22 -24.73 -2.32
N ILE A 60 8.79 -23.54 -2.43
CA ILE A 60 9.50 -23.15 -3.65
C ILE A 60 10.70 -24.05 -3.98
N PRO A 61 11.56 -24.36 -2.98
CA PRO A 61 12.67 -25.24 -3.33
C PRO A 61 12.23 -26.67 -3.70
N LYS A 62 11.10 -27.10 -3.17
CA LYS A 62 10.60 -28.45 -3.42
C LYS A 62 10.06 -28.60 -4.84
N GLU A 63 9.41 -27.56 -5.33
CA GLU A 63 8.76 -27.61 -6.63
C GLU A 63 9.66 -27.12 -7.76
N TYR A 64 10.57 -26.20 -7.44
CA TYR A 64 11.40 -25.56 -8.45
C TYR A 64 12.89 -25.86 -8.30
N ASN A 65 13.68 -25.43 -9.27
CA ASN A 65 15.11 -25.70 -9.27
C ASN A 65 15.93 -24.62 -8.56
N ILE A 66 15.63 -24.40 -7.29
CA ILE A 66 16.46 -23.54 -6.46
C ILE A 66 16.81 -24.31 -5.19
N SER A 67 18.11 -24.42 -4.91
CA SER A 67 18.59 -25.21 -3.78
C SER A 67 18.07 -24.67 -2.46
N VAL A 68 17.96 -25.57 -1.48
CA VAL A 68 17.51 -25.20 -0.14
C VAL A 68 18.44 -24.16 0.47
N GLN A 69 19.73 -24.29 0.21
CA GLN A 69 20.73 -23.40 0.79
C GLN A 69 20.57 -21.96 0.30
N VAL A 70 20.50 -21.78 -1.02
CA VAL A 70 20.33 -20.45 -1.61
C VAL A 70 19.02 -19.80 -1.14
N PHE A 71 17.94 -20.56 -1.22
CA PHE A 71 16.63 -20.08 -0.80
C PHE A 71 16.63 -19.65 0.66
N ASP A 72 17.27 -20.44 1.50
CA ASP A 72 17.36 -20.14 2.92
C ASP A 72 18.22 -18.90 3.18
N ASP A 73 19.25 -18.72 2.37
CA ASP A 73 20.09 -17.52 2.46
C ASP A 73 19.28 -16.27 2.13
N LEU A 74 18.57 -16.31 1.01
CA LEU A 74 17.72 -15.19 0.60
C LEU A 74 16.63 -14.91 1.63
N TRP A 75 16.10 -15.99 2.21
CA TRP A 75 15.12 -15.92 3.29
C TRP A 75 15.68 -15.15 4.48
N MET A 76 16.88 -15.54 4.92
CA MET A 76 17.54 -14.90 6.05
C MET A 76 17.81 -13.43 5.76
N ASP A 77 18.22 -13.14 4.52
CA ASP A 77 18.46 -11.75 4.10
C ASP A 77 17.18 -10.92 4.17
N LEU A 78 16.08 -11.52 3.74
CA LEU A 78 14.77 -10.87 3.80
C LEU A 78 14.41 -10.54 5.25
N TYR A 79 14.55 -11.53 6.12
CA TYR A 79 14.29 -11.33 7.55
C TYR A 79 15.14 -10.19 8.09
N ASP A 80 16.42 -10.17 7.71
CA ASP A 80 17.33 -9.11 8.13
C ASP A 80 16.85 -7.75 7.64
N LEU A 81 16.28 -7.72 6.44
CA LEU A 81 15.73 -6.49 5.90
C LEU A 81 14.56 -5.99 6.76
N PHE A 82 13.65 -6.88 7.11
CA PHE A 82 12.52 -6.49 7.96
C PHE A 82 12.97 -6.03 9.35
N GLU A 83 13.99 -6.71 9.89
CA GLU A 83 14.52 -6.35 11.19
C GLU A 83 15.16 -4.97 11.14
N GLU A 84 15.84 -4.68 10.04
CA GLU A 84 16.41 -3.35 9.82
C GLU A 84 15.29 -2.32 9.75
N LEU A 85 14.18 -2.71 9.13
CA LEU A 85 13.01 -1.85 9.02
C LEU A 85 12.45 -1.49 10.39
N ARG A 86 12.40 -2.47 11.29
CA ARG A 86 11.95 -2.22 12.66
C ARG A 86 12.94 -1.32 13.41
N ASP A 87 14.23 -1.62 13.23
CA ASP A 87 15.29 -0.84 13.86
C ASP A 87 15.29 0.60 13.39
N LEU A 88 14.72 0.84 12.20
CA LEU A 88 14.54 2.21 11.72
C LEU A 88 13.50 2.94 12.56
N PHE A 89 12.36 2.28 12.76
CA PHE A 89 11.30 2.79 13.62
C PHE A 89 11.85 3.13 15.00
N LYS A 90 12.71 2.26 15.53
CA LYS A 90 13.36 2.53 16.80
C LYS A 90 14.30 3.72 16.71
N GLU A 91 15.02 3.80 15.59
CA GLU A 91 16.02 4.86 15.37
C GLU A 91 15.36 6.24 15.24
N GLU A 92 14.08 6.25 14.94
CA GLU A 92 13.35 7.51 14.78
C GLU A 92 12.36 7.77 15.92
N ASP A 93 12.62 7.17 17.08
CA ASP A 93 11.82 7.38 18.28
C ASP A 93 10.33 7.11 18.05
N LEU A 94 10.04 6.11 17.24
CA LEU A 94 8.66 5.68 17.02
C LEU A 94 8.41 4.36 17.74
N GLU A 95 7.17 4.10 18.10
CA GLU A 95 6.81 2.82 18.69
C GLU A 95 7.06 1.71 17.68
N PRO A 96 7.97 0.79 18.01
CA PRO A 96 8.32 -0.32 17.11
C PRO A 96 7.12 -1.21 16.81
N TRP A 97 6.88 -1.47 15.53
CA TRP A 97 5.78 -2.34 15.15
C TRP A 97 6.06 -3.79 15.54
N THR A 98 5.00 -4.56 15.74
CA THR A 98 5.14 -5.97 16.07
C THR A 98 4.85 -6.84 14.85
N SER A 99 4.10 -6.30 13.90
CA SER A 99 3.85 -7.01 12.64
C SER A 99 3.83 -6.08 11.44
N CYS A 100 4.27 -6.60 10.30
CA CYS A 100 4.28 -5.85 9.05
C CYS A 100 3.71 -6.65 7.90
N GLU A 101 2.73 -6.07 7.22
CA GLU A 101 2.19 -6.63 5.99
C GLU A 101 2.77 -5.90 4.78
N PHE A 102 3.35 -6.68 3.87
CA PHE A 102 3.97 -6.16 2.66
C PHE A 102 3.39 -6.89 1.44
N ASP A 103 2.43 -6.26 0.78
CA ASP A 103 1.75 -6.89 -0.35
C ASP A 103 2.00 -6.14 -1.65
N PHE A 104 2.17 -6.87 -2.75
CA PHE A 104 2.31 -6.24 -4.06
C PHE A 104 1.92 -7.17 -5.20
N THR A 105 1.39 -6.59 -6.27
CA THR A 105 0.91 -7.39 -7.41
C THR A 105 1.74 -7.14 -8.66
N ARG A 106 1.48 -7.95 -9.69
CA ARG A 106 2.16 -7.82 -10.98
C ARG A 106 1.76 -6.51 -11.67
N GLU A 107 0.58 -6.01 -11.32
CA GLU A 107 0.04 -4.80 -11.93
C GLU A 107 0.41 -3.53 -11.16
N GLY A 108 1.31 -3.65 -10.19
CA GLY A 108 1.84 -2.49 -9.50
C GLY A 108 1.15 -2.09 -8.21
N GLU A 109 0.09 -2.79 -7.85
CA GLU A 109 -0.58 -2.54 -6.57
C GLU A 109 0.41 -2.77 -5.44
N LEU A 110 0.33 -1.96 -4.39
CA LEU A 110 1.27 -2.06 -3.27
C LEU A 110 0.60 -1.64 -1.97
N LYS A 111 0.88 -2.38 -0.90
CA LYS A 111 0.37 -2.02 0.42
C LYS A 111 1.34 -2.42 1.52
N VAL A 112 1.77 -1.43 2.30
CA VAL A 112 2.61 -1.67 3.46
C VAL A 112 1.90 -1.19 4.70
N SER A 113 1.61 -2.10 5.63
CA SER A 113 0.91 -1.72 6.86
C SER A 113 1.57 -2.32 8.09
N PHE A 114 1.46 -1.64 9.23
CA PHE A 114 2.07 -2.11 10.46
C PHE A 114 1.02 -2.27 11.56
N ASP A 115 1.18 -3.29 12.39
CA ASP A 115 0.29 -3.46 13.54
C ASP A 115 1.10 -3.68 14.82
N TYR A 116 0.51 -3.28 15.94
CA TYR A 116 1.24 -3.22 17.20
C TYR A 116 0.62 -4.13 18.27
N ILE A 117 0.01 -5.23 17.84
CA ILE A 117 -0.59 -6.18 18.78
C ILE A 117 0.49 -6.81 19.67
N ASP A 118 0.25 -6.79 20.97
CA ASP A 118 1.18 -7.39 21.92
C ASP A 118 1.06 -8.91 21.89
N TRP A 119 1.71 -9.53 20.91
CA TRP A 119 1.62 -10.97 20.71
C TRP A 119 2.30 -11.77 21.82
N ILE A 120 3.28 -11.15 22.47
CA ILE A 120 4.00 -11.82 23.55
C ILE A 120 3.09 -12.15 24.73
N ASN A 121 2.31 -11.17 25.17
CA ASN A 121 1.37 -11.36 26.27
C ASN A 121 0.15 -12.18 25.85
N SER A 122 -0.04 -12.35 24.55
CA SER A 122 -1.13 -13.18 24.04
C SER A 122 -0.79 -14.65 24.29
N GLU A 123 0.50 -14.92 24.45
CA GLU A 123 1.02 -16.25 24.74
C GLU A 123 0.76 -17.24 23.60
N PHE A 124 0.51 -16.73 22.40
CA PHE A 124 0.30 -17.58 21.24
C PHE A 124 1.57 -17.68 20.39
N GLY A 125 1.83 -18.87 19.86
CA GLY A 125 3.03 -19.13 19.07
C GLY A 125 2.88 -18.75 17.60
N GLN A 126 3.93 -19.03 16.83
CA GLN A 126 4.00 -18.59 15.44
C GLN A 126 2.92 -19.21 14.53
N ILE A 127 2.58 -20.46 14.77
CA ILE A 127 1.57 -21.13 13.96
C ILE A 127 0.20 -20.52 14.18
N GLY A 128 -0.11 -20.19 15.43
CA GLY A 128 -1.37 -19.54 15.75
C GLY A 128 -1.46 -18.18 15.07
N ARG A 129 -0.38 -17.42 15.14
CA ARG A 129 -0.33 -16.11 14.48
C ARG A 129 -0.49 -16.22 12.97
N GLN A 130 0.13 -17.24 12.38
CA GLN A 130 0.05 -17.45 10.94
C GLN A 130 -1.36 -17.85 10.51
N ASN A 131 -1.96 -18.81 11.21
CA ASN A 131 -3.30 -19.25 10.91
C ASN A 131 -4.33 -18.14 11.09
N TYR A 132 -4.19 -17.38 12.17
CA TYR A 132 -5.06 -16.24 12.39
C TYR A 132 -4.92 -15.21 11.27
N TYR A 133 -3.68 -14.95 10.88
CA TYR A 133 -3.42 -14.02 9.78
C TYR A 133 -4.08 -14.49 8.50
N LYS A 134 -3.95 -15.78 8.20
CA LYS A 134 -4.53 -16.35 6.99
C LYS A 134 -6.05 -16.30 7.02
N TYR A 135 -6.62 -16.37 8.22
CA TYR A 135 -8.07 -16.30 8.37
C TYR A 135 -8.58 -14.87 8.25
N ARG A 136 -7.79 -13.91 8.73
CA ARG A 136 -8.19 -12.51 8.72
C ARG A 136 -8.02 -11.88 7.35
N LYS A 137 -6.82 -12.01 6.79
CA LYS A 137 -6.50 -11.43 5.49
C LYS A 137 -7.35 -12.05 4.39
N PHE A 138 -7.26 -13.37 4.26
CA PHE A 138 -8.07 -14.11 3.30
C PHE A 138 -9.29 -14.70 4.02
N GLY A 139 -9.76 -15.84 3.54
CA GLY A 139 -10.89 -16.50 4.18
C GLY A 139 -10.56 -17.94 4.52
N ILE A 140 -9.28 -18.26 4.51
CA ILE A 140 -8.82 -19.64 4.70
C ILE A 140 -8.74 -20.02 6.18
N LEU A 141 -9.37 -21.15 6.50
CA LEU A 141 -9.31 -21.72 7.84
C LEU A 141 -8.38 -22.93 7.84
N PRO A 142 -7.75 -23.21 8.99
CA PRO A 142 -6.81 -24.33 9.13
C PRO A 142 -7.42 -25.71 8.84
N GLU A 143 -6.59 -26.74 8.91
CA GLU A 143 -7.00 -28.08 8.49
C GLU A 143 -7.23 -29.05 9.65
N THR A 144 -7.03 -28.58 10.88
CA THR A 144 -7.32 -29.38 12.07
C THR A 144 -8.15 -28.57 13.06
N GLU A 145 -8.92 -29.26 13.89
CA GLU A 145 -9.81 -28.60 14.86
C GLU A 145 -9.01 -27.88 15.95
N TYR A 146 -7.84 -28.42 16.29
CA TYR A 146 -6.96 -27.80 17.26
C TYR A 146 -6.58 -26.40 16.80
N GLU A 147 -6.12 -26.31 15.55
CA GLU A 147 -5.72 -25.05 14.95
C GLU A 147 -6.88 -24.06 14.85
N ILE A 148 -8.04 -24.54 14.42
CA ILE A 148 -9.24 -23.72 14.32
C ILE A 148 -9.60 -23.12 15.67
N ASN A 149 -9.60 -23.98 16.69
CA ASN A 149 -9.89 -23.57 18.07
C ASN A 149 -8.90 -22.50 18.52
N LYS A 150 -7.64 -22.67 18.17
CA LYS A 150 -6.62 -21.67 18.49
C LYS A 150 -6.92 -20.34 17.78
N VAL A 151 -7.37 -20.43 16.53
CA VAL A 151 -7.75 -19.24 15.76
C VAL A 151 -8.89 -18.49 16.46
N LYS A 152 -9.85 -19.25 16.97
CA LYS A 152 -10.97 -18.66 17.71
C LYS A 152 -10.47 -18.00 19.00
N GLU A 153 -9.55 -18.66 19.69
CA GLU A 153 -8.96 -18.12 20.91
C GLU A 153 -8.26 -16.78 20.65
N ILE A 154 -7.49 -16.73 19.57
CA ILE A 154 -6.77 -15.52 19.20
C ILE A 154 -7.76 -14.42 18.80
N GLU A 155 -8.80 -14.79 18.06
CA GLU A 155 -9.87 -13.87 17.70
C GLU A 155 -10.46 -13.21 18.94
N GLN A 156 -10.82 -14.03 19.93
CA GLN A 156 -11.41 -13.52 21.16
C GLN A 156 -10.42 -12.69 21.98
N TYR A 157 -9.14 -13.06 21.92
CA TYR A 157 -8.12 -12.28 22.62
C TYR A 157 -8.01 -10.88 22.02
N ILE A 158 -8.08 -10.81 20.70
CA ILE A 158 -7.95 -9.55 19.99
C ILE A 158 -9.18 -8.67 20.18
N LYS A 159 -10.36 -9.30 20.17
CA LYS A 159 -11.61 -8.57 20.40
C LYS A 159 -11.62 -7.91 21.77
N GLU A 160 -10.91 -8.49 22.72
CA GLU A 160 -10.85 -7.96 24.08
C GLU A 160 -9.71 -6.95 24.27
N LEU A 161 -9.19 -6.43 23.17
CA LEU A 161 -8.17 -5.39 23.24
C LEU A 161 -8.79 -4.00 23.11
N MET B 1 16.48 -2.87 -16.49
CA MET B 1 15.56 -2.52 -15.42
C MET B 1 14.21 -3.16 -15.62
N THR B 2 13.64 -3.71 -14.54
CA THR B 2 12.36 -4.40 -14.63
C THR B 2 11.18 -3.50 -14.28
N PHE B 3 9.99 -3.96 -14.66
CA PHE B 3 8.76 -3.23 -14.37
C PHE B 3 8.72 -2.73 -12.93
N GLU B 4 8.94 -3.63 -11.97
CA GLU B 4 8.84 -3.30 -10.54
C GLU B 4 9.90 -2.31 -10.05
N GLU B 5 11.07 -2.36 -10.69
CA GLU B 5 12.16 -1.48 -10.30
C GLU B 5 11.80 -0.03 -10.62
N LYS B 6 11.34 0.20 -11.85
CA LYS B 6 10.98 1.55 -12.27
C LYS B 6 9.68 2.00 -11.61
N LEU B 7 8.82 1.03 -11.28
CA LEU B 7 7.64 1.31 -10.46
C LEU B 7 8.10 1.86 -9.12
N SER B 8 9.08 1.20 -8.51
CA SER B 8 9.67 1.65 -7.26
C SER B 8 10.23 3.06 -7.39
N LYS B 9 10.99 3.29 -8.47
CA LYS B 9 11.56 4.59 -8.76
C LYS B 9 10.50 5.70 -8.80
N ILE B 10 9.49 5.51 -9.64
CA ILE B 10 8.42 6.49 -9.80
C ILE B 10 7.64 6.70 -8.50
N TYR B 11 7.36 5.63 -7.78
CA TYR B 11 6.67 5.74 -6.50
C TYR B 11 7.46 6.61 -5.53
N ASN B 12 8.76 6.35 -5.45
CA ASN B 12 9.65 7.14 -4.60
C ASN B 12 9.65 8.62 -4.99
N GLU B 13 9.72 8.88 -6.29
CA GLU B 13 9.70 10.26 -6.79
C GLU B 13 8.39 10.97 -6.45
N ILE B 14 7.28 10.24 -6.56
CA ILE B 14 5.97 10.77 -6.25
C ILE B 14 5.88 11.14 -4.78
N ALA B 15 6.29 10.21 -3.91
CA ALA B 15 6.30 10.46 -2.47
C ALA B 15 7.15 11.68 -2.12
N ASN B 16 8.35 11.75 -2.70
CA ASN B 16 9.24 12.88 -2.49
C ASN B 16 8.60 14.21 -2.91
N GLU B 17 7.97 14.20 -4.08
CA GLU B 17 7.31 15.39 -4.61
C GLU B 17 6.19 15.88 -3.68
N ILE B 18 5.26 14.98 -3.38
CA ILE B 18 4.14 15.30 -2.51
C ILE B 18 4.62 15.82 -1.16
N SER B 19 5.67 15.19 -0.62
CA SER B 19 6.23 15.63 0.65
C SER B 19 6.85 17.02 0.53
N SER B 20 7.46 17.31 -0.62
CA SER B 20 8.12 18.60 -0.84
C SER B 20 7.11 19.71 -1.11
N MET B 21 5.88 19.32 -1.44
CA MET B 21 4.81 20.30 -1.68
C MET B 21 4.15 20.75 -0.37
N ILE B 22 4.44 20.02 0.70
CA ILE B 22 3.86 20.34 2.02
C ILE B 22 4.92 20.99 2.91
N PRO B 23 4.78 22.31 3.14
CA PRO B 23 5.78 23.11 3.87
C PRO B 23 5.96 22.71 5.32
N VAL B 24 4.91 22.15 5.93
CA VAL B 24 4.97 21.79 7.35
C VAL B 24 5.00 20.29 7.57
N GLU B 25 4.92 19.88 8.83
CA GLU B 25 4.94 18.47 9.19
C GLU B 25 3.56 17.85 9.03
N TRP B 26 3.50 16.76 8.28
CA TRP B 26 2.23 16.09 8.00
C TRP B 26 2.14 14.74 8.68
N GLU B 27 0.90 14.26 8.89
CA GLU B 27 0.66 12.98 9.52
C GLU B 27 0.28 11.92 8.49
N LYS B 28 -0.83 12.16 7.81
CA LYS B 28 -1.32 11.24 6.77
C LYS B 28 -1.51 11.99 5.45
N VAL B 29 -1.25 11.29 4.35
CA VAL B 29 -1.38 11.87 3.02
C VAL B 29 -2.16 10.94 2.09
N TYR B 30 -3.19 11.49 1.46
CA TYR B 30 -4.02 10.74 0.53
C TYR B 30 -4.02 11.41 -0.84
N THR B 31 -3.46 10.74 -1.84
CA THR B 31 -3.38 11.31 -3.18
C THR B 31 -4.25 10.53 -4.17
N MET B 32 -4.91 11.25 -5.07
CA MET B 32 -5.75 10.65 -6.09
C MET B 32 -5.43 11.24 -7.46
N ALA B 33 -5.30 10.37 -8.46
CA ALA B 33 -4.99 10.79 -9.81
C ALA B 33 -5.89 10.14 -10.84
N TYR B 34 -6.73 10.93 -11.50
CA TYR B 34 -7.54 10.45 -12.60
C TYR B 34 -6.87 10.80 -13.93
N ILE B 35 -6.47 9.78 -14.70
CA ILE B 35 -5.88 10.05 -16.02
C ILE B 35 -6.43 9.11 -17.09
N ASP B 36 -6.97 9.70 -18.15
CA ASP B 36 -7.39 8.97 -19.33
C ASP B 36 -6.94 9.71 -20.59
N ASP B 37 -7.26 9.16 -21.75
CA ASP B 37 -6.90 9.78 -23.03
C ASP B 37 -7.42 11.21 -23.14
N GLY B 38 -8.55 11.48 -22.50
CA GLY B 38 -9.16 12.80 -22.56
C GLY B 38 -8.55 13.82 -21.61
N GLY B 39 -7.55 13.40 -20.85
CA GLY B 39 -6.89 14.29 -19.91
C GLY B 39 -6.98 13.79 -18.48
N GLY B 40 -6.98 14.71 -17.52
CA GLY B 40 -7.15 14.32 -16.13
C GLY B 40 -6.69 15.31 -15.07
N GLU B 41 -6.60 14.83 -13.83
CA GLU B 41 -6.21 15.68 -12.71
C GLU B 41 -5.56 14.88 -11.58
N VAL B 42 -4.79 15.58 -10.75
CA VAL B 42 -4.20 14.99 -9.54
C VAL B 42 -4.45 15.91 -8.35
N PHE B 43 -4.92 15.35 -7.25
CA PHE B 43 -5.09 16.13 -6.02
C PHE B 43 -4.70 15.32 -4.80
N PHE B 44 -4.50 15.98 -3.67
CA PHE B 44 -4.26 15.25 -2.43
C PHE B 44 -4.71 16.01 -1.18
N ASN B 45 -5.05 15.25 -0.15
CA ASN B 45 -5.37 15.82 1.16
C ASN B 45 -4.36 15.34 2.19
N TYR B 46 -4.11 16.17 3.20
CA TYR B 46 -3.16 15.79 4.24
C TYR B 46 -3.63 16.21 5.62
N THR B 47 -3.37 15.36 6.61
CA THR B 47 -3.69 15.67 7.99
C THR B 47 -2.42 16.09 8.72
N LYS B 48 -2.58 16.95 9.72
CA LYS B 48 -1.45 17.36 10.56
C LYS B 48 -1.55 16.67 11.92
N PRO B 49 -0.39 16.42 12.56
CA PRO B 49 -0.38 15.75 13.86
C PRO B 49 -1.02 16.60 14.96
N ASP B 52 -8.19 13.06 12.20
CA ASP B 52 -8.02 14.51 12.28
C ASP B 52 -8.54 15.17 11.01
N ASP B 53 -8.46 16.50 10.95
CA ASP B 53 -9.01 17.25 9.83
C ASP B 53 -8.18 17.09 8.56
N LEU B 54 -8.85 17.07 7.41
CA LEU B 54 -8.18 17.02 6.12
C LEU B 54 -7.81 18.41 5.64
N ASN B 55 -6.67 18.53 4.99
CA ASN B 55 -6.25 19.79 4.40
C ASN B 55 -6.04 19.66 2.89
N TYR B 56 -6.85 20.38 2.12
CA TYR B 56 -6.78 20.33 0.67
C TYR B 56 -5.51 21.01 0.17
N TYR B 57 -4.89 20.43 -0.84
CA TYR B 57 -3.56 20.86 -1.28
C TYR B 57 -3.51 22.28 -1.85
N THR B 58 -4.53 22.68 -2.61
CA THR B 58 -4.52 23.99 -3.24
C THR B 58 -4.71 25.12 -2.23
N ASN B 59 -4.86 24.77 -0.97
CA ASN B 59 -4.93 25.77 0.10
C ASN B 59 -3.57 25.98 0.76
N ILE B 60 -2.60 25.19 0.36
CA ILE B 60 -1.24 25.30 0.89
C ILE B 60 -0.58 26.66 0.59
N PRO B 61 -0.67 27.16 -0.66
CA PRO B 61 -0.06 28.48 -0.87
C PRO B 61 -0.80 29.61 -0.16
N LYS B 62 -2.08 29.39 0.12
CA LYS B 62 -2.90 30.39 0.80
C LYS B 62 -2.51 30.54 2.26
N GLU B 63 -2.24 29.41 2.91
CA GLU B 63 -1.98 29.38 4.35
C GLU B 63 -0.51 29.54 4.67
N TYR B 64 0.36 29.01 3.80
CA TYR B 64 1.79 28.97 4.09
C TYR B 64 2.61 29.86 3.16
N ASN B 65 3.90 29.97 3.46
CA ASN B 65 4.82 30.77 2.67
C ASN B 65 5.39 29.99 1.50
N ILE B 66 4.58 29.85 0.45
CA ILE B 66 5.03 29.22 -0.78
C ILE B 66 4.19 29.77 -1.94
N SER B 67 4.86 30.41 -2.89
CA SER B 67 4.19 31.12 -3.97
C SER B 67 3.31 30.20 -4.80
N VAL B 68 2.28 30.79 -5.42
CA VAL B 68 1.40 30.04 -6.32
C VAL B 68 2.20 29.45 -7.46
N GLN B 69 3.20 30.20 -7.93
CA GLN B 69 4.04 29.76 -9.04
C GLN B 69 4.77 28.45 -8.73
N VAL B 70 5.56 28.46 -7.68
CA VAL B 70 6.33 27.29 -7.27
C VAL B 70 5.43 26.08 -7.00
N PHE B 71 4.36 26.29 -6.24
CA PHE B 71 3.44 25.23 -5.88
C PHE B 71 2.76 24.62 -7.11
N ASP B 72 2.33 25.47 -8.03
CA ASP B 72 1.73 25.01 -9.28
C ASP B 72 2.76 24.25 -10.12
N ASP B 73 4.02 24.67 -10.03
CA ASP B 73 5.08 23.98 -10.75
C ASP B 73 5.30 22.56 -10.21
N LEU B 74 5.39 22.44 -8.90
CA LEU B 74 5.53 21.14 -8.28
C LEU B 74 4.30 20.27 -8.57
N TRP B 75 3.14 20.90 -8.57
CA TRP B 75 1.87 20.27 -8.92
C TRP B 75 1.94 19.65 -10.31
N MET B 76 2.38 20.45 -11.28
CA MET B 76 2.49 20.02 -12.67
C MET B 76 3.51 18.87 -12.80
N ASP B 77 4.61 18.98 -12.07
CA ASP B 77 5.60 17.91 -12.07
C ASP B 77 5.02 16.61 -11.52
N LEU B 78 4.20 16.73 -10.48
CA LEU B 78 3.52 15.58 -9.89
C LEU B 78 2.60 14.91 -10.90
N TYR B 79 1.79 15.72 -11.58
CA TYR B 79 0.91 15.21 -12.63
C TYR B 79 1.73 14.51 -13.70
N ASP B 80 2.88 15.09 -14.04
CA ASP B 80 3.77 14.49 -15.03
C ASP B 80 4.27 13.13 -14.56
N LEU B 81 4.49 13.01 -13.25
CA LEU B 81 4.92 11.73 -12.68
C LEU B 81 3.84 10.67 -12.81
N PHE B 82 2.61 11.02 -12.45
CA PHE B 82 1.50 10.07 -12.59
C PHE B 82 1.26 9.68 -14.05
N GLU B 83 1.36 10.66 -14.94
CA GLU B 83 1.21 10.41 -16.37
C GLU B 83 2.29 9.47 -16.89
N GLU B 84 3.51 9.67 -16.40
CA GLU B 84 4.64 8.80 -16.71
C GLU B 84 4.35 7.39 -16.23
N LEU B 85 3.71 7.29 -15.07
CA LEU B 85 3.31 6.00 -14.52
C LEU B 85 2.32 5.27 -15.44
N ARG B 86 1.28 5.99 -15.86
CA ARG B 86 0.29 5.42 -16.77
C ARG B 86 0.92 4.98 -18.09
N ASP B 87 1.80 5.83 -18.62
CA ASP B 87 2.53 5.50 -19.84
C ASP B 87 3.40 4.27 -19.64
N LEU B 88 3.91 4.10 -18.43
CA LEU B 88 4.69 2.91 -18.08
C LEU B 88 3.81 1.68 -18.14
N PHE B 89 2.58 1.81 -17.64
CA PHE B 89 1.61 0.73 -17.74
C PHE B 89 1.32 0.36 -19.19
N LYS B 90 1.10 1.37 -20.02
CA LYS B 90 0.89 1.14 -21.46
C LYS B 90 2.09 0.42 -22.08
N GLU B 91 3.28 0.84 -21.68
CA GLU B 91 4.53 0.27 -22.18
C GLU B 91 4.70 -1.18 -21.74
N GLU B 92 4.09 -1.53 -20.61
CA GLU B 92 4.20 -2.89 -20.07
C GLU B 92 3.15 -3.85 -20.62
N ASP B 93 2.52 -3.46 -21.74
CA ASP B 93 1.46 -4.25 -22.36
C ASP B 93 0.35 -4.56 -21.35
N LEU B 94 -0.05 -3.53 -20.60
CA LEU B 94 -1.10 -3.68 -19.60
C LEU B 94 -2.26 -2.74 -19.89
N GLU B 95 -3.45 -3.12 -19.45
CA GLU B 95 -4.61 -2.23 -19.53
C GLU B 95 -4.32 -0.99 -18.69
N PRO B 96 -4.24 0.17 -19.36
CA PRO B 96 -3.91 1.42 -18.64
C PRO B 96 -4.98 1.80 -17.62
N TRP B 97 -4.55 2.13 -16.41
CA TRP B 97 -5.48 2.51 -15.35
C TRP B 97 -6.11 3.88 -15.62
N THR B 98 -7.28 4.11 -15.03
CA THR B 98 -7.94 5.40 -15.15
C THR B 98 -7.88 6.17 -13.84
N SER B 99 -7.58 5.47 -12.75
CA SER B 99 -7.40 6.14 -11.46
C SER B 99 -6.30 5.48 -10.63
N CYS B 100 -5.58 6.29 -9.87
CA CYS B 100 -4.53 5.81 -8.99
C CYS B 100 -4.63 6.45 -7.62
N GLU B 101 -4.72 5.60 -6.60
CA GLU B 101 -4.67 6.04 -5.21
C GLU B 101 -3.27 5.83 -4.65
N PHE B 102 -2.71 6.90 -4.10
CA PHE B 102 -1.36 6.89 -3.55
C PHE B 102 -1.39 7.48 -2.14
N ASP B 103 -1.43 6.63 -1.13
CA ASP B 103 -1.54 7.08 0.25
C ASP B 103 -0.33 6.68 1.08
N PHE B 104 0.07 7.54 2.00
CA PHE B 104 1.14 7.20 2.93
C PHE B 104 1.10 8.04 4.20
N THR B 105 1.48 7.43 5.31
CA THR B 105 1.52 8.13 6.58
C THR B 105 2.96 8.34 7.02
N ARG B 106 3.17 9.27 7.96
CA ARG B 106 4.48 9.48 8.54
C ARG B 106 4.87 8.27 9.39
N GLU B 107 3.86 7.47 9.74
CA GLU B 107 4.06 6.25 10.50
C GLU B 107 4.70 5.14 9.65
N GLY B 108 4.64 5.29 8.32
CA GLY B 108 5.26 4.33 7.42
C GLY B 108 4.29 3.58 6.54
N GLU B 109 2.99 3.69 6.84
CA GLU B 109 1.96 3.04 6.04
C GLU B 109 2.03 3.52 4.60
N LEU B 110 1.73 2.62 3.66
CA LEU B 110 1.76 2.97 2.24
C LEU B 110 0.78 2.11 1.46
N LYS B 111 0.02 2.75 0.56
CA LYS B 111 -0.93 2.03 -0.28
C LYS B 111 -1.03 2.64 -1.67
N VAL B 112 -0.69 1.83 -2.68
CA VAL B 112 -0.87 2.24 -4.06
C VAL B 112 -1.85 1.29 -4.74
N SER B 113 -2.94 1.84 -5.27
CA SER B 113 -3.96 0.99 -5.90
C SER B 113 -4.56 1.64 -7.14
N PHE B 114 -4.69 0.86 -8.21
CA PHE B 114 -5.21 1.38 -9.47
C PHE B 114 -6.63 0.87 -9.74
N ASP B 115 -7.42 1.69 -10.43
CA ASP B 115 -8.75 1.26 -10.85
C ASP B 115 -9.01 1.67 -12.30
N TYR B 116 -9.87 0.90 -12.96
CA TYR B 116 -10.02 0.98 -14.42
C TYR B 116 -11.46 1.33 -14.84
N ILE B 117 -12.15 2.09 -13.99
CA ILE B 117 -13.50 2.52 -14.31
C ILE B 117 -13.49 3.47 -15.51
N ASP B 118 -14.33 3.18 -16.50
CA ASP B 118 -14.45 4.04 -17.67
C ASP B 118 -15.22 5.30 -17.28
N TRP B 119 -14.51 6.28 -16.74
CA TRP B 119 -15.13 7.51 -16.25
C TRP B 119 -15.66 8.37 -17.39
N ILE B 120 -15.12 8.16 -18.59
CA ILE B 120 -15.58 8.88 -19.77
C ILE B 120 -17.01 8.47 -20.12
N ASN B 121 -17.27 7.16 -20.09
CA ASN B 121 -18.60 6.63 -20.37
C ASN B 121 -19.63 7.03 -19.31
N SER B 122 -19.16 7.23 -18.08
CA SER B 122 -20.03 7.61 -16.98
C SER B 122 -20.56 9.02 -17.17
N GLU B 123 -19.81 9.81 -17.96
CA GLU B 123 -20.17 11.19 -18.29
C GLU B 123 -20.17 12.11 -17.06
N PHE B 124 -19.40 11.75 -16.04
CA PHE B 124 -19.27 12.59 -14.86
C PHE B 124 -17.96 13.37 -14.88
N GLY B 125 -18.03 14.65 -14.55
CA GLY B 125 -16.87 15.53 -14.57
C GLY B 125 -15.97 15.37 -13.36
N GLN B 126 -14.96 16.23 -13.26
CA GLN B 126 -13.94 16.10 -12.22
C GLN B 126 -14.50 16.30 -10.80
N ILE B 127 -15.51 17.15 -10.68
CA ILE B 127 -16.11 17.45 -9.38
C ILE B 127 -16.86 16.23 -8.85
N GLY B 128 -17.59 15.57 -9.74
CA GLY B 128 -18.29 14.35 -9.38
C GLY B 128 -17.31 13.26 -8.96
N ARG B 129 -16.24 13.13 -9.73
CA ARG B 129 -15.19 12.16 -9.42
C ARG B 129 -14.59 12.41 -8.04
N GLN B 130 -14.27 13.67 -7.76
CA GLN B 130 -13.64 14.03 -6.50
C GLN B 130 -14.58 13.84 -5.31
N ASN B 131 -15.82 14.32 -5.45
CA ASN B 131 -16.79 14.20 -4.36
C ASN B 131 -17.15 12.74 -4.07
N TYR B 132 -17.31 11.95 -5.12
CA TYR B 132 -17.53 10.52 -4.93
C TYR B 132 -16.31 9.88 -4.26
N TYR B 133 -15.13 10.32 -4.68
CA TYR B 133 -13.89 9.81 -4.09
C TYR B 133 -13.86 10.06 -2.59
N LYS B 134 -14.20 11.29 -2.20
CA LYS B 134 -14.20 11.65 -0.79
C LYS B 134 -15.30 10.93 -0.04
N TYR B 135 -16.38 10.59 -0.75
CA TYR B 135 -17.47 9.83 -0.15
C TYR B 135 -17.08 8.37 0.07
N ARG B 136 -16.18 7.87 -0.77
CA ARG B 136 -15.80 6.46 -0.73
C ARG B 136 -14.64 6.21 0.22
N LYS B 137 -13.53 6.91 -0.03
CA LYS B 137 -12.35 6.84 0.83
C LYS B 137 -12.68 7.23 2.26
N PHE B 138 -13.02 8.49 2.45
CA PHE B 138 -13.46 8.99 3.75
C PHE B 138 -14.98 8.89 3.81
N GLY B 139 -15.57 9.27 4.94
CA GLY B 139 -17.00 9.26 5.08
C GLY B 139 -17.57 10.67 4.95
N ILE B 140 -17.30 11.31 3.81
CA ILE B 140 -17.65 12.71 3.63
C ILE B 140 -18.57 12.94 2.44
N LEU B 141 -19.73 13.53 2.70
CA LEU B 141 -20.63 13.99 1.65
C LEU B 141 -20.46 15.49 1.45
N PRO B 142 -20.74 15.97 0.22
CA PRO B 142 -20.65 17.42 -0.01
C PRO B 142 -21.75 18.20 0.70
N GLU B 143 -21.75 19.53 0.53
CA GLU B 143 -22.66 20.39 1.26
C GLU B 143 -24.05 20.49 0.62
N THR B 144 -24.10 20.77 -0.68
CA THR B 144 -25.36 21.01 -1.36
C THR B 144 -26.06 19.74 -1.82
N GLU B 145 -27.37 19.82 -1.98
CA GLU B 145 -28.21 18.69 -2.40
C GLU B 145 -27.83 18.18 -3.79
N TYR B 146 -27.49 19.10 -4.68
CA TYR B 146 -27.10 18.77 -6.04
C TYR B 146 -25.87 17.86 -6.07
N GLU B 147 -24.82 18.29 -5.37
CA GLU B 147 -23.59 17.52 -5.24
C GLU B 147 -23.85 16.13 -4.67
N ILE B 148 -24.62 16.08 -3.59
CA ILE B 148 -24.96 14.82 -2.94
C ILE B 148 -25.67 13.87 -3.90
N ASN B 149 -26.65 14.41 -4.63
CA ASN B 149 -27.37 13.61 -5.61
C ASN B 149 -26.47 13.11 -6.71
N LYS B 150 -25.48 13.91 -7.09
CA LYS B 150 -24.48 13.46 -8.07
C LYS B 150 -23.66 12.31 -7.51
N VAL B 151 -23.26 12.42 -6.24
CA VAL B 151 -22.52 11.36 -5.57
C VAL B 151 -23.31 10.06 -5.55
N LYS B 152 -24.58 10.15 -5.19
CA LYS B 152 -25.47 8.99 -5.19
C LYS B 152 -25.61 8.40 -6.59
N GLU B 153 -25.70 9.27 -7.59
CA GLU B 153 -25.77 8.84 -8.99
C GLU B 153 -24.57 8.01 -9.36
N ILE B 154 -23.38 8.52 -9.03
CA ILE B 154 -22.13 7.82 -9.36
C ILE B 154 -22.03 6.50 -8.62
N GLU B 155 -22.44 6.49 -7.35
CA GLU B 155 -22.45 5.27 -6.55
C GLU B 155 -23.33 4.20 -7.21
N GLN B 156 -24.52 4.62 -7.62
CA GLN B 156 -25.46 3.73 -8.30
C GLN B 156 -24.88 3.20 -9.61
N TYR B 157 -24.24 4.09 -10.36
CA TYR B 157 -23.60 3.72 -11.62
C TYR B 157 -22.53 2.65 -11.42
N ILE B 158 -21.75 2.82 -10.37
CA ILE B 158 -20.64 1.91 -10.08
C ILE B 158 -21.15 0.56 -9.58
N LYS B 159 -22.21 0.58 -8.78
CA LYS B 159 -22.82 -0.65 -8.30
C LYS B 159 -23.34 -1.52 -9.45
N GLU B 160 -23.89 -0.87 -10.46
CA GLU B 160 -24.51 -1.58 -11.59
C GLU B 160 -23.49 -2.11 -12.60
N LEU B 161 -22.21 -1.86 -12.34
CA LEU B 161 -21.16 -2.35 -13.22
C LEU B 161 -20.80 -3.80 -12.90
#